data_3EUD
#
_entry.id   3EUD
#
_cell.length_a   141.938
_cell.length_b   146.293
_cell.length_c   48.511
_cell.angle_alpha   90.000
_cell.angle_beta   90.000
_cell.angle_gamma   90.000
#
_symmetry.space_group_name_H-M   'P 21 21 2'
#
loop_
_entity.id
_entity.type
_entity.pdbx_description
1 polymer 'Protein SHQ1'
2 water water
#
_entity_poly.entity_id   1
_entity_poly.type   'polypeptide(L)'
_entity_poly.pdbx_seq_one_letter_code
;MAHHHHHHVDDDDK(MSE)ITPRFSITQDEEFIFLKIFISNIRFSAVGLEIIIQEN(MSE)IIFHLSPYYLRLRFPHELI
DDERSTAQYDSKDECINVKVAKLNKNEYFEDLDLPTKLLARQG
;
_entity_poly.pdbx_strand_id   A,B,C,D,E,F
#
# COMPACT_ATOMS: atom_id res chain seq x y z
N LYS A 14 12.04 26.01 -13.36
CA LYS A 14 12.79 25.49 -12.22
C LYS A 14 12.63 26.43 -11.00
N ILE A 16 9.09 28.54 -9.56
CA ILE A 16 7.72 28.98 -9.66
C ILE A 16 7.39 29.80 -8.41
N THR A 17 6.58 30.84 -8.57
CA THR A 17 6.20 31.67 -7.42
C THR A 17 4.78 31.31 -7.03
N PRO A 18 4.64 30.55 -5.94
CA PRO A 18 3.37 29.88 -5.65
C PRO A 18 2.28 30.86 -5.24
N ARG A 19 1.02 30.45 -5.38
CA ARG A 19 -0.07 31.13 -4.75
C ARG A 19 0.18 31.01 -3.25
N PHE A 20 0.00 32.10 -2.51
CA PHE A 20 0.01 32.05 -1.05
C PHE A 20 -1.01 33.03 -0.47
N SER A 21 -1.32 32.84 0.82
CA SER A 21 -2.16 33.72 1.59
C SER A 21 -1.70 33.74 3.04
N ILE A 22 -2.08 34.80 3.75
CA ILE A 22 -1.56 35.04 5.10
C ILE A 22 -2.63 35.61 6.03
N THR A 23 -2.76 35.04 7.22
CA THR A 23 -3.58 35.64 8.27
C THR A 23 -2.72 35.72 9.50
N GLN A 24 -3.30 36.21 10.60
CA GLN A 24 -2.55 36.38 11.82
C GLN A 24 -3.46 36.27 13.02
N ASP A 25 -2.85 36.11 14.19
CA ASP A 25 -3.50 36.40 15.44
C ASP A 25 -2.53 37.22 16.32
N GLU A 26 -2.68 37.22 17.63
CA GLU A 26 -1.91 38.14 18.47
C GLU A 26 -0.49 37.66 18.64
N GLU A 27 -0.28 36.36 18.42
CA GLU A 27 1.04 35.77 18.59
C GLU A 27 1.72 35.35 17.28
N PHE A 28 0.94 35.00 16.26
CA PHE A 28 1.51 34.35 15.08
C PHE A 28 1.06 34.97 13.76
N ILE A 29 1.86 34.73 12.71
CA ILE A 29 1.35 34.83 11.37
C ILE A 29 1.25 33.41 10.83
N PHE A 30 0.22 33.18 10.01
CA PHE A 30 -0.11 31.88 9.45
C PHE A 30 -0.06 31.99 7.94
N LEU A 31 1.05 31.55 7.37
CA LEU A 31 1.28 31.54 5.92
C LEU A 31 0.81 30.22 5.31
N LYS A 32 0.02 30.31 4.25
CA LYS A 32 -0.52 29.14 3.58
C LYS A 32 0.03 29.12 2.16
N ILE A 33 0.86 28.13 1.84
CA ILE A 33 1.50 28.08 0.52
C ILE A 33 0.99 26.94 -0.32
N PHE A 34 0.36 27.26 -1.45
CA PHE A 34 -0.23 26.25 -2.31
C PHE A 34 0.74 25.59 -3.27
N ILE A 35 0.79 24.26 -3.22
CA ILE A 35 1.77 23.52 -4.00
C ILE A 35 1.14 22.28 -4.56
N SER A 36 1.63 21.85 -5.70
CA SER A 36 1.13 20.68 -6.37
C SER A 36 2.32 19.79 -6.65
N ASN A 37 2.07 18.48 -6.68
CA ASN A 37 3.06 17.50 -7.11
C ASN A 37 4.46 17.74 -6.60
N ILE A 38 4.61 17.68 -5.28
CA ILE A 38 5.94 17.80 -4.69
C ILE A 38 6.32 16.50 -4.00
N ARG A 39 7.59 16.35 -3.66
CA ARG A 39 8.05 15.20 -2.90
C ARG A 39 8.83 15.76 -1.74
N PHE A 40 8.51 15.31 -0.54
CA PHE A 40 9.26 15.78 0.59
C PHE A 40 10.46 14.87 0.81
N SER A 41 11.44 15.38 1.54
CA SER A 41 12.58 14.59 1.93
C SER A 41 13.19 15.22 3.15
N ALA A 42 14.24 14.56 3.68
CA ALA A 42 14.89 15.03 4.87
C ALA A 42 15.56 16.39 4.63
N VAL A 43 15.76 16.75 3.36
CA VAL A 43 16.58 17.92 3.04
C VAL A 43 16.02 18.84 1.94
N GLY A 44 14.88 18.50 1.36
CA GLY A 44 14.35 19.28 0.25
C GLY A 44 13.70 20.62 0.57
N LEU A 45 13.32 20.81 1.83
CA LEU A 45 12.57 21.98 2.22
C LEU A 45 13.46 22.97 2.96
N GLU A 46 13.53 24.19 2.44
CA GLU A 46 14.29 25.23 3.10
C GLU A 46 13.30 26.29 3.54
N ILE A 47 13.36 26.64 4.81
CA ILE A 47 12.62 27.76 5.35
C ILE A 47 13.56 28.58 6.21
N ILE A 48 13.76 29.83 5.82
CA ILE A 48 14.56 30.75 6.62
C ILE A 48 13.65 31.84 7.12
N ILE A 49 13.76 32.13 8.40
CA ILE A 49 12.96 33.14 9.04
C ILE A 49 13.89 34.02 9.87
N GLN A 50 13.92 35.30 9.55
CA GLN A 50 14.99 36.15 10.03
C GLN A 50 14.53 37.57 9.95
N GLU A 51 14.35 38.20 11.12
CA GLU A 51 13.80 39.53 11.20
C GLU A 51 12.47 39.60 10.47
N ASN A 52 12.40 40.41 9.42
CA ASN A 52 11.11 40.54 8.74
C ASN A 52 11.03 39.76 7.44
N ILE A 54 10.89 36.00 5.33
CA ILE A 54 10.73 34.55 5.23
C ILE A 54 11.16 34.12 3.85
N ILE A 55 12.00 33.10 3.80
CA ILE A 55 12.30 32.49 2.54
C ILE A 55 11.87 31.06 2.64
N PHE A 56 11.13 30.65 1.64
CA PHE A 56 10.67 29.29 1.52
C PHE A 56 11.14 28.78 0.16
N HIS A 57 11.86 27.67 0.18
CA HIS A 57 12.31 27.00 -1.04
C HIS A 57 12.01 25.51 -0.97
N LEU A 58 11.08 25.07 -1.81
CA LEU A 58 10.81 23.66 -2.02
C LEU A 58 10.73 23.50 -3.54
N SER A 59 11.90 23.41 -4.17
CA SER A 59 12.03 23.33 -5.62
C SER A 59 10.90 22.58 -6.31
N PRO A 60 10.28 23.18 -7.34
CA PRO A 60 10.64 24.45 -7.97
C PRO A 60 10.13 25.67 -7.23
N TYR A 61 9.37 25.49 -6.17
CA TYR A 61 8.65 26.61 -5.57
C TYR A 61 9.57 27.53 -4.76
N TYR A 62 9.37 28.85 -4.90
CA TYR A 62 10.21 29.85 -4.21
C TYR A 62 9.46 31.09 -3.74
N LEU A 63 9.49 31.36 -2.45
CA LEU A 63 8.92 32.60 -1.93
C LEU A 63 9.94 33.31 -1.12
N ARG A 64 10.01 34.63 -1.30
CA ARG A 64 10.85 35.50 -0.48
C ARG A 64 9.94 36.62 -0.08
N LEU A 65 9.63 36.75 1.20
CA LEU A 65 8.61 37.70 1.60
C LEU A 65 9.18 38.65 2.59
N ARG A 66 8.76 39.91 2.49
CA ARG A 66 9.14 40.90 3.49
C ARG A 66 7.89 41.40 4.20
N PHE A 67 7.88 41.26 5.51
CA PHE A 67 6.76 41.67 6.34
C PHE A 67 6.88 43.11 6.87
N PRO A 68 5.77 43.71 7.33
CA PRO A 68 5.84 45.08 7.82
C PRO A 68 6.38 45.15 9.25
N HIS A 69 6.60 44.02 9.90
CA HIS A 69 7.30 43.96 11.19
C HIS A 69 8.03 42.61 11.33
N GLU A 70 8.78 42.45 12.43
CA GLU A 70 9.69 41.31 12.56
C GLU A 70 9.07 40.06 13.16
N LEU A 71 9.61 38.93 12.76
CA LEU A 71 9.16 37.63 13.25
C LEU A 71 10.32 37.03 13.99
N ILE A 72 10.11 35.88 14.59
CA ILE A 72 11.26 35.21 15.18
C ILE A 72 11.14 33.72 15.02
N ASP A 73 12.19 33.11 14.45
CA ASP A 73 12.37 31.67 14.37
C ASP A 73 12.73 31.11 15.75
N ASP A 74 11.89 30.20 16.23
CA ASP A 74 12.21 29.51 17.45
C ASP A 74 11.41 28.22 17.49
N GLU A 75 11.31 27.62 18.65
CA GLU A 75 10.69 26.31 18.80
C GLU A 75 9.28 26.31 18.24
N ARG A 76 8.64 27.48 18.26
CA ARG A 76 7.25 27.62 17.90
C ARG A 76 7.00 27.54 16.40
N SER A 77 8.02 27.80 15.60
CA SER A 77 7.89 27.67 14.15
C SER A 77 7.44 26.28 13.77
N THR A 78 6.46 26.19 12.87
CA THR A 78 5.86 24.91 12.49
C THR A 78 5.42 24.96 11.04
N ALA A 79 5.52 23.84 10.35
CA ALA A 79 5.07 23.77 8.99
C ALA A 79 4.42 22.43 8.82
N GLN A 80 3.23 22.43 8.24
CA GLN A 80 2.47 21.19 8.08
C GLN A 80 1.81 21.15 6.71
N TYR A 81 1.93 20.01 6.06
CA TYR A 81 1.33 19.83 4.75
C TYR A 81 -0.11 19.42 4.94
N ASP A 82 -0.98 20.00 4.12
CA ASP A 82 -2.38 19.68 4.15
C ASP A 82 -2.78 19.19 2.76
N SER A 83 -3.26 17.95 2.68
CA SER A 83 -3.55 17.33 1.39
C SER A 83 -4.91 17.72 0.82
N LYS A 84 -5.89 17.98 1.67
CA LYS A 84 -7.17 18.47 1.19
C LYS A 84 -6.96 19.79 0.49
N ASP A 85 -6.26 20.70 1.17
CA ASP A 85 -6.05 22.05 0.65
C ASP A 85 -4.88 22.11 -0.32
N GLU A 86 -4.05 21.07 -0.34
CA GLU A 86 -2.88 21.05 -1.19
C GLU A 86 -1.97 22.23 -0.92
N CYS A 87 -1.61 22.38 0.35
CA CYS A 87 -0.72 23.45 0.78
C CYS A 87 0.10 23.02 1.96
N ILE A 88 1.16 23.80 2.20
CA ILE A 88 1.95 23.77 3.41
C ILE A 88 1.50 24.96 4.25
N ASN A 89 1.08 24.71 5.47
CA ASN A 89 0.69 25.76 6.39
C ASN A 89 1.87 26.09 7.27
N VAL A 90 2.35 27.32 7.19
CA VAL A 90 3.51 27.71 7.96
C VAL A 90 3.12 28.69 9.05
N LYS A 91 3.53 28.41 10.28
CA LYS A 91 3.13 29.20 11.41
C LYS A 91 4.40 29.75 12.06
N VAL A 92 4.55 31.07 12.02
CA VAL A 92 5.72 31.72 12.57
C VAL A 92 5.34 32.74 13.66
N ALA A 93 6.16 32.86 14.67
CA ALA A 93 5.92 33.77 15.77
C ALA A 93 6.29 35.22 15.42
N LYS A 94 5.50 36.15 15.93
CA LYS A 94 5.84 37.57 15.80
C LYS A 94 6.90 37.92 16.83
N LEU A 95 7.88 38.72 16.42
CA LEU A 95 8.84 39.20 17.40
C LEU A 95 8.12 39.87 18.57
N ASN A 96 7.03 40.59 18.30
CA ASN A 96 6.24 41.20 19.39
C ASN A 96 4.79 40.80 19.48
N LYS A 97 4.43 40.28 20.64
CA LYS A 97 3.08 39.85 20.85
C LYS A 97 2.20 41.08 20.70
N ASN A 98 1.03 40.91 20.11
CA ASN A 98 -0.01 41.94 20.09
C ASN A 98 0.20 43.00 19.04
N GLU A 99 1.29 42.86 18.28
CA GLU A 99 1.60 43.80 17.22
C GLU A 99 0.91 43.41 15.91
N TYR A 100 0.17 44.35 15.35
CA TYR A 100 -0.58 44.15 14.15
C TYR A 100 0.29 44.26 12.89
N PHE A 101 0.11 43.31 11.99
CA PHE A 101 0.74 43.33 10.69
C PHE A 101 -0.31 43.76 9.68
N GLU A 102 -0.04 44.88 9.01
CA GLU A 102 -0.95 45.45 8.05
C GLU A 102 -0.75 44.82 6.68
N ASP A 103 -1.85 44.78 5.91
CA ASP A 103 -1.83 44.46 4.49
C ASP A 103 -1.44 43.02 4.11
N LEU A 104 -1.62 42.09 5.04
CA LEU A 104 -1.46 40.66 4.77
C LEU A 104 -2.48 40.13 3.75
N ASP A 105 -3.58 40.85 3.56
CA ASP A 105 -4.56 40.43 2.58
C ASP A 105 -4.23 40.90 1.17
N LEU A 106 -3.09 41.57 1.04
CA LEU A 106 -2.56 42.00 -0.24
C LEU A 106 -1.26 41.27 -0.47
N PRO A 107 -1.33 39.93 -0.62
CA PRO A 107 -0.14 39.08 -0.76
C PRO A 107 0.87 39.65 -1.75
N THR A 108 0.40 39.95 -2.95
CA THR A 108 1.22 40.57 -3.98
C THR A 108 2.21 41.64 -3.49
N LYS A 109 1.93 42.27 -2.35
CA LYS A 109 2.80 43.34 -1.86
C LYS A 109 3.97 42.84 -1.01
N LEU A 110 3.74 41.74 -0.28
CA LEU A 110 4.73 41.14 0.61
C LEU A 110 5.93 40.52 -0.13
N LEU A 111 5.88 40.43 -1.44
CA LEU A 111 7.04 40.00 -2.20
C LEU A 111 8.18 40.99 -1.97
N ALA A 112 9.34 40.48 -1.57
CA ALA A 112 10.52 41.29 -1.26
C ALA A 112 11.02 42.11 -2.46
N LYS B 14 -27.38 -28.36 -16.19
CA LYS B 14 -26.58 -27.48 -15.35
C LYS B 14 -25.12 -27.91 -15.23
N ILE B 16 -21.51 -29.11 -15.63
CA ILE B 16 -20.63 -29.11 -16.78
C ILE B 16 -19.30 -29.72 -16.40
N THR B 17 -18.78 -30.53 -17.29
CA THR B 17 -17.56 -31.25 -17.02
C THR B 17 -16.38 -30.61 -17.70
N PRO B 18 -15.52 -29.94 -16.89
CA PRO B 18 -14.44 -29.07 -17.37
C PRO B 18 -13.36 -29.90 -17.96
N ARG B 19 -12.60 -29.32 -18.85
CA ARG B 19 -11.39 -29.93 -19.34
C ARG B 19 -10.38 -29.84 -18.20
N PHE B 20 -9.47 -30.80 -18.12
CA PHE B 20 -8.50 -30.88 -17.07
C PHE B 20 -7.39 -31.81 -17.53
N SER B 21 -6.22 -31.68 -16.91
CA SER B 21 -5.09 -32.56 -17.20
C SER B 21 -4.36 -32.83 -15.90
N ILE B 22 -3.56 -33.88 -15.85
CA ILE B 22 -2.88 -34.25 -14.64
C ILE B 22 -1.42 -34.62 -14.88
N THR B 23 -0.53 -34.06 -14.05
CA THR B 23 0.86 -34.51 -14.04
C THR B 23 1.28 -35.01 -12.65
N GLN B 24 2.54 -35.43 -12.52
CA GLN B 24 3.04 -35.94 -11.24
C GLN B 24 4.52 -35.70 -11.05
N ASP B 25 4.92 -35.54 -9.79
CA ASP B 25 6.29 -35.87 -9.39
C ASP B 25 6.27 -37.08 -8.43
N GLU B 26 7.34 -37.34 -7.71
CA GLU B 26 7.36 -38.57 -6.93
C GLU B 26 6.59 -38.41 -5.61
N GLU B 27 6.33 -37.18 -5.22
CA GLU B 27 5.62 -36.89 -4.01
C GLU B 27 4.13 -36.50 -4.21
N PHE B 28 3.80 -35.88 -5.35
CA PHE B 28 2.48 -35.29 -5.55
C PHE B 28 1.83 -35.64 -6.90
N ILE B 29 0.51 -35.45 -6.98
CA ILE B 29 -0.12 -35.29 -8.29
C ILE B 29 -0.48 -33.81 -8.46
N PHE B 30 -0.54 -33.34 -9.70
CA PHE B 30 -0.89 -31.95 -9.99
C PHE B 30 -2.06 -31.93 -10.97
N LEU B 31 -3.21 -31.51 -10.49
CA LEU B 31 -4.44 -31.49 -11.28
C LEU B 31 -4.66 -30.07 -11.79
N LYS B 32 -5.01 -29.94 -13.06
CA LYS B 32 -5.21 -28.63 -13.61
C LYS B 32 -6.61 -28.59 -14.21
N ILE B 33 -7.47 -27.76 -13.65
CA ILE B 33 -8.86 -27.71 -14.09
C ILE B 33 -9.08 -26.38 -14.79
N PHE B 34 -9.44 -26.41 -16.08
CA PHE B 34 -9.60 -25.21 -16.88
C PHE B 34 -10.96 -24.55 -16.74
N ILE B 35 -11.00 -23.41 -16.07
CA ILE B 35 -12.23 -22.64 -15.94
C ILE B 35 -11.97 -21.16 -16.27
N SER B 36 -12.64 -20.65 -17.30
CA SER B 36 -12.57 -19.25 -17.69
C SER B 36 -12.82 -18.27 -16.56
N ASN B 37 -12.00 -17.23 -16.52
CA ASN B 37 -12.01 -16.27 -15.44
C ASN B 37 -13.36 -15.62 -15.24
N ILE B 38 -14.15 -15.54 -16.29
CA ILE B 38 -15.52 -15.01 -16.15
C ILE B 38 -16.37 -15.91 -15.25
N ARG B 39 -15.97 -17.16 -15.08
CA ARG B 39 -16.79 -18.15 -14.38
C ARG B 39 -16.21 -18.53 -13.03
N PHE B 40 -14.92 -18.29 -12.86
CA PHE B 40 -14.29 -18.65 -11.61
C PHE B 40 -14.90 -17.88 -10.45
N SER B 41 -15.10 -18.55 -9.33
CA SER B 41 -15.46 -17.87 -8.09
C SER B 41 -14.89 -18.61 -6.92
N ALA B 42 -14.32 -17.87 -5.97
CA ALA B 42 -13.68 -18.48 -4.81
C ALA B 42 -14.71 -18.94 -3.80
N VAL B 43 -15.84 -18.26 -3.79
CA VAL B 43 -16.88 -18.57 -2.84
C VAL B 43 -17.48 -19.96 -3.14
N GLY B 44 -17.84 -20.21 -4.39
CA GLY B 44 -18.37 -21.51 -4.75
C GLY B 44 -17.46 -22.73 -4.50
N LEU B 45 -16.16 -22.51 -4.61
CA LEU B 45 -15.16 -23.57 -4.75
C LEU B 45 -15.15 -24.58 -3.62
N GLU B 46 -15.18 -25.85 -4.00
CA GLU B 46 -15.22 -26.95 -3.05
C GLU B 46 -14.38 -28.06 -3.62
N ILE B 47 -13.31 -28.42 -2.92
CA ILE B 47 -12.46 -29.51 -3.37
C ILE B 47 -12.34 -30.50 -2.23
N ILE B 48 -12.78 -31.72 -2.46
CA ILE B 48 -12.69 -32.78 -1.45
C ILE B 48 -11.76 -33.86 -1.93
N ILE B 49 -10.84 -34.26 -1.07
CA ILE B 49 -9.87 -35.31 -1.34
C ILE B 49 -10.06 -36.48 -0.37
N GLN B 50 -10.37 -37.66 -0.90
CA GLN B 50 -10.51 -38.84 -0.05
C GLN B 50 -9.99 -40.14 -0.68
N GLU B 51 -8.97 -40.72 -0.06
CA GLU B 51 -8.45 -41.98 -0.56
C GLU B 51 -8.00 -41.83 -2.01
N ASN B 52 -8.77 -42.35 -2.95
CA ASN B 52 -8.36 -42.28 -4.34
C ASN B 52 -9.32 -41.45 -5.19
N ILE B 54 -10.82 -37.38 -6.01
CA ILE B 54 -10.98 -35.95 -5.83
C ILE B 54 -12.38 -35.58 -6.29
N ILE B 55 -13.13 -34.89 -5.45
CA ILE B 55 -14.38 -34.28 -5.89
C ILE B 55 -14.17 -32.78 -5.98
N PHE B 56 -14.54 -32.22 -7.14
CA PHE B 56 -14.38 -30.82 -7.45
C PHE B 56 -15.70 -30.23 -7.88
N HIS B 57 -16.04 -29.09 -7.28
CA HIS B 57 -17.30 -28.42 -7.57
C HIS B 57 -17.12 -26.90 -7.56
N LEU B 58 -17.30 -26.28 -8.73
CA LEU B 58 -17.44 -24.83 -8.81
C LEU B 58 -18.62 -24.56 -9.72
N SER B 59 -19.82 -24.41 -9.17
CA SER B 59 -21.00 -24.39 -10.01
C SER B 59 -20.78 -23.47 -11.22
N PRO B 60 -21.11 -23.96 -12.42
CA PRO B 60 -21.77 -25.24 -12.69
C PRO B 60 -20.81 -26.41 -12.86
N TYR B 61 -19.49 -26.16 -12.82
CA TYR B 61 -18.49 -27.16 -13.20
C TYR B 61 -18.33 -28.25 -12.18
N TYR B 62 -18.12 -29.49 -12.63
CA TYR B 62 -17.95 -30.59 -11.68
C TYR B 62 -17.11 -31.76 -12.23
N LEU B 63 -16.22 -32.28 -11.39
CA LEU B 63 -15.50 -33.53 -11.64
C LEU B 63 -15.54 -34.44 -10.41
N ARG B 64 -15.65 -35.74 -10.67
CA ARG B 64 -15.31 -36.76 -9.70
C ARG B 64 -14.22 -37.54 -10.38
N LEU B 65 -13.03 -37.55 -9.80
CA LEU B 65 -11.91 -38.24 -10.40
C LEU B 65 -11.46 -39.42 -9.55
N ARG B 66 -11.14 -40.51 -10.23
CA ARG B 66 -10.67 -41.73 -9.58
C ARG B 66 -9.23 -42.04 -9.96
N PHE B 67 -8.35 -41.99 -8.97
CA PHE B 67 -6.93 -42.28 -9.18
C PHE B 67 -6.57 -43.75 -9.04
N PRO B 68 -5.60 -44.20 -9.85
CA PRO B 68 -5.11 -45.60 -9.79
C PRO B 68 -4.64 -45.97 -8.38
N HIS B 69 -4.12 -45.02 -7.63
CA HIS B 69 -3.60 -45.30 -6.30
C HIS B 69 -4.07 -44.19 -5.40
N GLU B 70 -3.67 -44.23 -4.15
CA GLU B 70 -4.33 -43.45 -3.14
C GLU B 70 -3.63 -42.13 -2.94
N LEU B 71 -4.40 -41.12 -2.51
CA LEU B 71 -3.87 -39.80 -2.23
C LEU B 71 -4.01 -39.57 -0.75
N ILE B 72 -3.66 -38.38 -0.31
CA ILE B 72 -3.85 -38.07 1.09
C ILE B 72 -3.93 -36.58 1.23
N ASP B 73 -5.01 -36.09 1.83
CA ASP B 73 -5.11 -34.64 2.10
C ASP B 73 -4.35 -34.29 3.38
N ASP B 74 -3.48 -33.29 3.28
CA ASP B 74 -2.71 -32.88 4.44
C ASP B 74 -2.25 -31.43 4.25
N GLU B 75 -1.33 -30.95 5.08
CA GLU B 75 -0.95 -29.55 5.03
C GLU B 75 -0.25 -29.24 3.70
N ARG B 76 0.13 -30.29 2.99
CA ARG B 76 0.91 -30.11 1.77
C ARG B 76 0.09 -29.74 0.52
N SER B 77 -1.21 -29.93 0.58
CA SER B 77 -2.06 -29.72 -0.57
C SER B 77 -2.40 -28.27 -0.79
N THR B 78 -2.22 -27.82 -2.03
CA THR B 78 -2.50 -26.45 -2.42
C THR B 78 -3.58 -26.44 -3.50
N ALA B 79 -4.36 -25.36 -3.53
CA ALA B 79 -5.35 -25.15 -4.56
C ALA B 79 -5.40 -23.67 -4.90
N GLN B 80 -4.78 -23.30 -6.02
CA GLN B 80 -4.65 -21.91 -6.41
C GLN B 80 -5.23 -21.67 -7.79
N TYR B 81 -5.66 -20.43 -8.06
CA TYR B 81 -6.17 -20.11 -9.38
C TYR B 81 -5.18 -19.32 -10.19
N ASP B 82 -4.74 -19.91 -11.27
CA ASP B 82 -3.72 -19.32 -12.10
C ASP B 82 -4.41 -18.41 -13.12
N SER B 83 -4.44 -17.11 -12.82
CA SER B 83 -5.18 -16.12 -13.60
C SER B 83 -4.59 -15.90 -14.98
N LYS B 84 -3.41 -16.47 -15.22
CA LYS B 84 -2.77 -16.37 -16.53
C LYS B 84 -3.25 -17.44 -17.50
N ASP B 85 -3.34 -18.67 -17.01
CA ASP B 85 -3.80 -19.79 -17.80
C ASP B 85 -5.25 -20.13 -17.53
N GLU B 86 -5.85 -19.44 -16.56
CA GLU B 86 -7.26 -19.65 -16.22
C GLU B 86 -7.53 -21.12 -15.87
N CYS B 87 -6.77 -21.62 -14.89
CA CYS B 87 -6.99 -22.95 -14.38
C CYS B 87 -6.82 -22.97 -12.88
N ILE B 88 -7.57 -23.85 -12.21
CA ILE B 88 -7.31 -24.18 -10.81
C ILE B 88 -6.22 -25.23 -10.78
N ASN B 89 -5.05 -24.91 -10.24
CA ASN B 89 -4.03 -25.92 -10.08
C ASN B 89 -4.16 -26.53 -8.68
N VAL B 90 -4.43 -27.82 -8.63
CA VAL B 90 -4.51 -28.51 -7.37
C VAL B 90 -3.30 -29.46 -7.22
N LYS B 91 -2.60 -29.33 -6.11
CA LYS B 91 -1.51 -30.24 -5.80
C LYS B 91 -1.93 -31.05 -4.59
N VAL B 92 -1.92 -32.38 -4.74
CA VAL B 92 -2.22 -33.26 -3.61
C VAL B 92 -1.14 -34.31 -3.47
N ALA B 93 -0.75 -34.56 -2.23
CA ALA B 93 0.24 -35.60 -1.93
C ALA B 93 -0.23 -37.01 -2.26
N LYS B 94 0.65 -37.80 -2.86
CA LYS B 94 0.44 -39.23 -2.99
C LYS B 94 0.52 -39.90 -1.60
N LEU B 95 -0.27 -40.93 -1.37
CA LEU B 95 -0.19 -41.62 -0.09
C LEU B 95 1.18 -42.27 0.03
N ASN B 96 1.63 -42.92 -1.02
CA ASN B 96 2.91 -43.59 -0.98
C ASN B 96 3.95 -42.83 -1.80
N LYS B 97 4.90 -42.19 -1.12
CA LYS B 97 5.93 -41.44 -1.83
C LYS B 97 6.57 -42.34 -2.86
N ASN B 98 6.82 -41.80 -4.05
CA ASN B 98 7.49 -42.53 -5.12
C ASN B 98 6.63 -43.55 -5.85
N GLU B 99 5.35 -43.64 -5.50
CA GLU B 99 4.47 -44.52 -6.28
C GLU B 99 4.16 -43.93 -7.66
N TYR B 100 4.34 -44.73 -8.71
CA TYR B 100 4.00 -44.31 -10.06
C TYR B 100 2.51 -44.49 -10.30
N PHE B 101 1.85 -43.39 -10.63
CA PHE B 101 0.47 -43.42 -11.08
C PHE B 101 0.47 -43.56 -12.60
N GLU B 102 -0.27 -44.54 -13.11
CA GLU B 102 -0.28 -44.80 -14.55
C GLU B 102 -1.28 -43.96 -15.36
N ASP B 103 -0.79 -43.44 -16.47
CA ASP B 103 -1.64 -42.90 -17.54
C ASP B 103 -2.30 -41.55 -17.26
N LEU B 104 -1.54 -40.63 -16.68
CA LEU B 104 -2.08 -39.33 -16.34
C LEU B 104 -2.12 -38.46 -17.59
N ASP B 105 -1.43 -38.92 -18.63
CA ASP B 105 -1.42 -38.25 -19.92
C ASP B 105 -2.68 -38.68 -20.66
N LEU B 106 -3.38 -39.62 -20.07
CA LEU B 106 -4.66 -40.06 -20.60
C LEU B 106 -5.74 -39.69 -19.60
N PRO B 107 -5.93 -38.38 -19.36
CA PRO B 107 -6.69 -37.81 -18.22
C PRO B 107 -8.11 -38.34 -18.14
N THR B 108 -8.75 -38.47 -19.29
CA THR B 108 -10.15 -38.89 -19.36
C THR B 108 -10.37 -40.31 -18.76
N LYS B 109 -9.31 -41.11 -18.72
CA LYS B 109 -9.39 -42.47 -18.19
C LYS B 109 -9.79 -42.47 -16.72
N LEU B 110 -9.70 -41.30 -16.09
CA LEU B 110 -10.01 -41.14 -14.69
C LEU B 110 -11.49 -40.94 -14.36
N LEU B 111 -12.34 -40.81 -15.39
CA LEU B 111 -13.78 -40.58 -15.16
C LEU B 111 -14.55 -41.89 -14.95
N LYS C 14 23.62 29.02 15.30
CA LYS C 14 23.57 27.73 14.61
C LYS C 14 23.94 26.62 15.59
N ILE C 16 22.02 26.40 18.86
CA ILE C 16 21.04 26.84 19.83
C ILE C 16 20.84 25.72 20.84
N THR C 17 20.79 26.08 22.12
CA THR C 17 20.44 25.14 23.16
C THR C 17 18.93 24.96 23.12
N PRO C 18 18.46 23.74 22.81
CA PRO C 18 17.02 23.47 22.79
C PRO C 18 16.50 23.41 24.19
N ARG C 19 15.21 23.66 24.37
CA ARG C 19 14.55 23.21 25.59
C ARG C 19 14.64 21.67 25.63
N PHE C 20 14.89 21.11 26.81
CA PHE C 20 14.86 19.66 26.98
C PHE C 20 14.42 19.28 28.37
N SER C 21 13.98 18.05 28.55
CA SER C 21 13.68 17.60 29.90
C SER C 21 14.20 16.16 30.06
N ILE C 22 14.56 15.77 31.28
CA ILE C 22 15.06 14.41 31.50
C ILE C 22 14.42 13.65 32.67
N THR C 23 13.94 12.45 32.40
CA THR C 23 13.45 11.57 33.43
C THR C 23 14.29 10.28 33.48
N GLN C 24 13.89 9.31 34.31
CA GLN C 24 14.64 8.06 34.45
C GLN C 24 13.76 6.93 34.95
N ASP C 25 14.07 5.69 34.58
CA ASP C 25 13.66 4.55 35.39
C ASP C 25 14.89 3.76 35.93
N GLU C 26 14.72 2.52 36.32
CA GLU C 26 15.89 1.82 36.86
C GLU C 26 16.79 1.28 35.76
N GLU C 27 16.30 1.26 34.53
CA GLU C 27 17.13 0.78 33.43
C GLU C 27 17.65 1.90 32.54
N PHE C 28 16.87 2.98 32.42
CA PHE C 28 17.16 4.01 31.42
C PHE C 28 17.17 5.45 31.89
N ILE C 29 17.83 6.27 31.09
CA ILE C 29 17.65 7.72 31.07
C ILE C 29 16.71 8.01 29.90
N PHE C 30 15.83 8.98 30.07
CA PHE C 30 14.85 9.32 29.07
C PHE C 30 14.99 10.80 28.81
N LEU C 31 15.52 11.17 27.65
CA LEU C 31 15.81 12.56 27.33
C LEU C 31 14.85 13.09 26.25
N LYS C 32 14.11 14.14 26.57
CA LYS C 32 13.14 14.70 25.64
C LYS C 32 13.62 16.06 25.16
N ILE C 33 13.84 16.18 23.86
CA ILE C 33 14.39 17.40 23.26
C ILE C 33 13.34 18.03 22.37
N PHE C 34 12.97 19.27 22.66
CA PHE C 34 11.87 19.92 21.94
C PHE C 34 12.40 20.70 20.78
N ILE C 35 11.76 20.54 19.63
CA ILE C 35 12.18 21.21 18.43
C ILE C 35 11.03 21.77 17.60
N SER C 36 11.42 22.45 16.53
CA SER C 36 10.54 22.88 15.46
C SER C 36 10.53 21.76 14.42
N ASN C 37 9.34 21.29 14.02
CA ASN C 37 9.30 20.15 13.10
C ASN C 37 9.98 20.46 11.77
N ILE C 38 10.09 21.74 11.45
CA ILE C 38 10.78 22.20 10.23
C ILE C 38 12.25 21.84 10.25
N ARG C 39 12.79 21.60 11.44
CA ARG C 39 14.22 21.32 11.57
C ARG C 39 14.51 19.84 11.80
N PHE C 40 13.49 19.03 12.06
CA PHE C 40 13.77 17.61 12.19
C PHE C 40 14.27 17.06 10.87
N SER C 41 15.38 16.34 10.91
CA SER C 41 15.87 15.60 9.76
C SER C 41 16.61 14.39 10.32
N ALA C 42 16.20 13.20 9.89
CA ALA C 42 16.77 11.98 10.47
C ALA C 42 18.14 11.77 9.91
N VAL C 43 18.46 12.49 8.83
CA VAL C 43 19.79 12.39 8.23
C VAL C 43 20.81 13.25 8.98
N GLY C 44 20.41 14.46 9.35
CA GLY C 44 21.32 15.37 10.02
C GLY C 44 21.41 15.12 11.50
N LEU C 45 20.60 14.18 11.98
CA LEU C 45 20.53 13.89 13.40
C LEU C 45 21.63 12.94 13.86
N GLU C 46 22.41 13.41 14.81
CA GLU C 46 23.49 12.64 15.39
C GLU C 46 23.50 12.72 16.92
N ILE C 47 23.54 11.55 17.54
CA ILE C 47 23.62 11.39 18.99
C ILE C 47 24.84 10.53 19.34
N ILE C 48 25.70 11.05 20.19
CA ILE C 48 26.91 10.35 20.57
C ILE C 48 26.89 10.14 22.07
N ILE C 49 26.85 8.87 22.46
CA ILE C 49 26.80 8.51 23.86
C ILE C 49 28.18 8.05 24.28
N GLN C 50 28.87 8.86 25.07
CA GLN C 50 30.17 8.44 25.60
C GLN C 50 30.28 8.51 27.13
N GLU C 51 30.19 7.33 27.75
CA GLU C 51 30.32 7.22 29.20
C GLU C 51 29.23 7.98 29.94
N ASN C 52 29.55 9.17 30.42
CA ASN C 52 28.56 9.96 31.15
C ASN C 52 28.10 11.17 30.34
N ILE C 54 26.20 12.81 26.84
CA ILE C 54 25.41 12.73 25.61
C ILE C 54 25.64 13.97 24.75
N ILE C 55 26.13 13.77 23.52
CA ILE C 55 26.26 14.86 22.57
C ILE C 55 25.16 14.77 21.51
N PHE C 56 24.26 15.74 21.52
CA PHE C 56 23.17 15.79 20.57
C PHE C 56 23.44 16.84 19.52
N HIS C 57 23.33 16.49 18.24
CA HIS C 57 23.39 17.49 17.17
C HIS C 57 22.34 17.34 16.07
N LEU C 58 21.67 18.44 15.74
CA LEU C 58 20.76 18.50 14.62
C LEU C 58 20.61 19.97 14.32
N SER C 59 21.30 20.43 13.27
CA SER C 59 21.30 21.84 12.88
C SER C 59 19.90 22.42 12.98
N PRO C 60 19.76 23.51 13.72
CA PRO C 60 20.88 24.24 14.32
C PRO C 60 20.95 24.03 15.84
N TYR C 61 20.53 22.88 16.35
CA TYR C 61 20.55 22.66 17.79
C TYR C 61 21.80 21.88 18.21
N TYR C 62 22.35 22.20 19.37
CA TYR C 62 23.45 21.44 19.94
C TYR C 62 23.24 21.28 21.44
N LEU C 63 23.66 20.14 21.96
CA LEU C 63 23.49 19.83 23.38
C LEU C 63 24.62 18.92 23.83
N ARG C 64 25.45 19.42 24.73
CA ARG C 64 26.40 18.59 25.46
C ARG C 64 25.90 18.45 26.88
N LEU C 65 25.64 17.21 27.31
CA LEU C 65 25.10 16.95 28.64
C LEU C 65 25.98 15.99 29.41
N ARG C 66 26.28 16.34 30.65
CA ARG C 66 27.08 15.52 31.52
C ARG C 66 26.20 14.96 32.61
N PHE C 67 26.00 13.65 32.59
CA PHE C 67 25.24 12.99 33.64
C PHE C 67 26.15 12.64 34.83
N PRO C 68 25.57 12.48 36.04
CA PRO C 68 26.28 12.20 37.28
C PRO C 68 26.90 10.82 37.32
N HIS C 69 26.34 9.90 36.54
CA HIS C 69 26.85 8.55 36.45
C HIS C 69 26.81 8.11 34.99
N GLU C 70 27.28 6.91 34.73
CA GLU C 70 27.57 6.52 33.35
C GLU C 70 26.43 5.89 32.57
N LEU C 71 26.46 6.17 31.29
CA LEU C 71 25.49 5.64 30.35
C LEU C 71 26.22 4.63 29.51
N ILE C 72 25.47 3.85 28.74
CA ILE C 72 26.09 2.92 27.81
C ILE C 72 25.28 2.88 26.55
N ASP C 73 25.96 3.07 25.42
CA ASP C 73 25.29 2.96 24.11
C ASP C 73 25.19 1.51 23.68
N ASP C 74 23.99 1.05 23.44
CA ASP C 74 23.84 -0.28 22.86
C ASP C 74 22.54 -0.46 22.13
N GLU C 75 22.18 -1.71 21.88
CA GLU C 75 21.04 -2.05 21.05
C GLU C 75 19.73 -1.63 21.70
N ARG C 76 19.80 -1.25 22.97
CA ARG C 76 18.59 -0.84 23.70
C ARG C 76 18.25 0.63 23.49
N SER C 77 19.27 1.44 23.18
CA SER C 77 19.12 2.83 22.77
C SER C 77 18.14 3.06 21.64
N THR C 78 17.27 4.04 21.82
CA THR C 78 16.28 4.41 20.81
C THR C 78 16.22 5.93 20.66
N ALA C 79 15.79 6.37 19.48
CA ALA C 79 15.68 7.78 19.19
C ALA C 79 14.51 7.96 18.26
N GLN C 80 13.41 8.49 18.78
CA GLN C 80 12.20 8.65 17.99
C GLN C 80 11.76 10.10 17.95
N TYR C 81 11.16 10.51 16.83
CA TYR C 81 10.58 11.84 16.75
C TYR C 81 9.08 11.78 16.89
N ASP C 82 8.57 12.38 17.96
CA ASP C 82 7.12 12.50 18.24
C ASP C 82 6.51 13.67 17.49
N SER C 83 5.74 13.36 16.45
CA SER C 83 5.20 14.37 15.57
C SER C 83 4.07 15.19 16.20
N LYS C 84 3.48 14.67 17.27
CA LYS C 84 2.47 15.42 17.99
C LYS C 84 3.14 16.49 18.82
N ASP C 85 3.88 16.07 19.86
CA ASP C 85 4.57 17.00 20.77
C ASP C 85 5.84 17.60 20.18
N GLU C 86 6.09 17.34 18.91
CA GLU C 86 7.25 17.92 18.26
C GLU C 86 8.54 17.83 19.09
N CYS C 87 8.98 16.62 19.40
CA CYS C 87 10.16 16.44 20.22
C CYS C 87 10.87 15.16 19.86
N ILE C 88 12.17 15.11 20.17
CA ILE C 88 12.92 13.90 20.01
C ILE C 88 13.09 13.22 21.37
N ASN C 89 12.68 11.97 21.45
CA ASN C 89 12.79 11.21 22.67
C ASN C 89 14.01 10.30 22.55
N VAL C 90 15.05 10.57 23.34
CA VAL C 90 16.25 9.76 23.28
C VAL C 90 16.37 8.93 24.54
N LYS C 91 16.47 7.62 24.36
CA LYS C 91 16.45 6.72 25.50
C LYS C 91 17.75 5.91 25.48
N VAL C 92 18.49 5.98 26.59
CA VAL C 92 19.81 5.39 26.67
C VAL C 92 19.92 4.62 27.97
N ALA C 93 20.56 3.46 27.93
CA ALA C 93 20.67 2.62 29.11
C ALA C 93 21.72 3.14 30.08
N LYS C 94 21.48 2.94 31.36
CA LYS C 94 22.49 3.28 32.36
C LYS C 94 23.52 2.17 32.33
N LEU C 95 24.80 2.52 32.51
CA LEU C 95 25.82 1.50 32.64
C LEU C 95 25.38 0.50 33.70
N ASN C 96 24.97 1.04 34.84
CA ASN C 96 24.62 0.24 36.01
C ASN C 96 23.14 0.26 36.30
N LYS C 97 22.46 -0.85 36.03
CA LYS C 97 21.04 -0.97 36.35
C LYS C 97 20.74 -0.66 37.81
N ASN C 98 19.60 0.02 38.02
CA ASN C 98 19.08 0.38 39.33
C ASN C 98 19.85 1.49 40.01
N GLU C 99 20.70 2.18 39.26
CA GLU C 99 21.42 3.32 39.82
C GLU C 99 20.69 4.67 39.66
N TYR C 100 20.56 5.37 40.77
CA TYR C 100 19.82 6.61 40.79
C TYR C 100 20.68 7.78 40.38
N PHE C 101 20.20 8.52 39.40
CA PHE C 101 20.90 9.67 38.86
C PHE C 101 20.30 10.91 39.48
N GLU C 102 21.09 11.61 40.29
CA GLU C 102 20.63 12.79 41.01
C GLU C 102 20.38 13.97 40.08
N ASP C 103 19.34 14.74 40.40
CA ASP C 103 19.17 16.09 39.87
C ASP C 103 18.85 16.25 38.38
N LEU C 104 18.13 15.30 37.84
CA LEU C 104 17.67 15.34 36.46
C LEU C 104 16.58 16.41 36.29
N ASP C 105 15.77 16.58 37.34
CA ASP C 105 14.74 17.62 37.41
C ASP C 105 15.30 19.03 37.25
N LEU C 106 16.62 19.19 37.41
CA LEU C 106 17.26 20.49 37.29
C LEU C 106 18.11 20.49 36.03
N PRO C 107 17.43 20.44 34.86
CA PRO C 107 18.08 20.06 33.59
C PRO C 107 19.35 20.84 33.31
N THR C 108 19.41 22.10 33.69
CA THR C 108 20.52 22.95 33.28
C THR C 108 21.82 22.68 34.06
N LYS C 109 21.71 21.97 35.19
CA LYS C 109 22.89 21.59 35.94
C LYS C 109 23.78 20.64 35.12
N LEU C 110 23.17 19.96 34.16
CA LEU C 110 23.87 19.00 33.30
C LEU C 110 24.56 19.65 32.10
N LEU C 111 24.35 20.97 31.94
CA LEU C 111 24.99 21.70 30.85
C LEU C 111 26.35 22.22 31.27
N LYS D 14 1.26 8.42 -10.17
CA LYS D 14 2.08 9.32 -9.36
C LYS D 14 2.59 8.68 -8.06
N ILE D 16 3.25 6.38 -4.58
CA ILE D 16 3.79 5.07 -4.29
C ILE D 16 3.26 4.55 -2.94
N THR D 17 3.12 3.23 -2.85
CA THR D 17 2.72 2.59 -1.62
C THR D 17 3.94 2.20 -0.87
N PRO D 18 3.94 2.45 0.44
CA PRO D 18 5.03 2.09 1.32
C PRO D 18 4.78 0.72 1.91
N ARG D 19 5.85 0.01 2.23
CA ARG D 19 5.73 -1.16 3.05
C ARG D 19 5.12 -0.80 4.41
N PHE D 20 4.23 -1.65 4.90
CA PHE D 20 3.56 -1.42 6.17
C PHE D 20 3.01 -2.70 6.77
N SER D 21 2.52 -2.59 7.99
CA SER D 21 2.02 -3.74 8.72
C SER D 21 1.19 -3.25 9.88
N ILE D 22 0.06 -3.92 10.12
CA ILE D 22 -0.87 -3.54 11.17
C ILE D 22 -1.01 -4.61 12.25
N THR D 23 -1.53 -4.23 13.39
CA THR D 23 -1.46 -5.05 14.56
C THR D 23 -2.52 -4.54 15.53
N GLN D 24 -2.83 -5.31 16.57
CA GLN D 24 -3.82 -4.83 17.52
C GLN D 24 -3.63 -5.40 18.92
N ASP D 25 -4.12 -4.65 19.90
CA ASP D 25 -4.39 -5.24 21.20
C ASP D 25 -5.84 -4.94 21.58
N GLU D 26 -6.18 -5.07 22.84
CA GLU D 26 -7.58 -4.96 23.23
C GLU D 26 -8.09 -3.57 22.93
N GLU D 27 -7.23 -2.58 23.04
CA GLU D 27 -7.65 -1.18 23.00
C GLU D 27 -7.26 -0.44 21.72
N PHE D 28 -6.26 -0.95 20.99
CA PHE D 28 -5.65 -0.19 19.91
C PHE D 28 -5.38 -0.94 18.61
N ILE D 29 -5.19 -0.16 17.56
CA ILE D 29 -4.59 -0.59 16.28
C ILE D 29 -3.17 -0.03 16.23
N PHE D 30 -2.20 -0.84 15.82
CA PHE D 30 -0.83 -0.35 15.68
C PHE D 30 -0.36 -0.42 14.24
N LEU D 31 -0.15 0.73 13.63
CA LEU D 31 0.27 0.79 12.25
C LEU D 31 1.76 1.13 12.13
N LYS D 32 2.49 0.34 11.35
CA LYS D 32 3.93 0.51 11.21
C LYS D 32 4.19 0.76 9.75
N ILE D 33 4.85 1.87 9.43
CA ILE D 33 5.09 2.24 8.04
C ILE D 33 6.56 2.49 7.79
N PHE D 34 7.16 1.73 6.87
CA PHE D 34 8.57 1.94 6.57
C PHE D 34 8.82 3.17 5.70
N ILE D 35 9.51 4.14 6.25
CA ILE D 35 9.96 5.31 5.48
C ILE D 35 11.40 5.56 5.83
N SER D 36 12.26 5.49 4.81
CA SER D 36 13.69 5.65 5.02
C SER D 36 14.02 6.99 5.65
N ASN D 37 15.14 7.04 6.38
CA ASN D 37 15.67 8.30 6.90
C ASN D 37 15.70 9.41 5.87
N ILE D 38 16.14 9.08 4.66
CA ILE D 38 16.27 10.06 3.59
C ILE D 38 14.93 10.59 3.16
N ARG D 39 13.89 9.77 3.31
CA ARG D 39 12.58 10.11 2.80
C ARG D 39 11.82 10.91 3.81
N PHE D 40 11.98 10.55 5.08
CA PHE D 40 11.19 11.20 6.13
C PHE D 40 11.31 12.72 6.20
N SER D 41 10.14 13.35 6.29
CA SER D 41 9.98 14.77 6.52
C SER D 41 8.83 14.89 7.51
N ALA D 42 9.05 15.60 8.60
CA ALA D 42 7.99 15.80 9.56
C ALA D 42 6.95 16.77 9.01
N VAL D 43 7.38 17.61 8.07
CA VAL D 43 6.49 18.61 7.49
C VAL D 43 5.47 17.95 6.55
N GLY D 44 5.96 17.10 5.65
CA GLY D 44 5.10 16.38 4.71
C GLY D 44 4.21 15.29 5.34
N LEU D 45 4.53 14.85 6.54
CA LEU D 45 3.76 13.78 7.15
C LEU D 45 2.36 14.27 7.44
N GLU D 46 1.36 13.46 7.08
CA GLU D 46 -0.02 13.75 7.36
C GLU D 46 -0.75 12.43 7.59
N ILE D 47 -1.39 12.32 8.75
CA ILE D 47 -2.20 11.18 9.04
C ILE D 47 -3.58 11.65 9.41
N ILE D 48 -4.58 11.16 8.68
CA ILE D 48 -5.99 11.44 8.94
C ILE D 48 -6.72 10.18 9.36
N ILE D 49 -7.36 10.25 10.52
CA ILE D 49 -8.22 9.17 11.00
C ILE D 49 -9.66 9.58 10.87
N GLN D 50 -10.48 8.70 10.28
CA GLN D 50 -11.93 8.89 10.21
C GLN D 50 -12.68 7.56 10.25
N GLU D 51 -13.32 7.25 11.36
CA GLU D 51 -14.22 6.11 11.41
C GLU D 51 -13.47 4.82 11.15
N ASN D 52 -13.60 4.27 9.96
CA ASN D 52 -12.90 3.02 9.60
C ASN D 52 -11.74 3.27 8.63
N ILE D 54 -8.00 5.16 7.82
CA ILE D 54 -6.78 5.91 8.12
C ILE D 54 -6.17 6.33 6.79
N ILE D 55 -6.02 7.64 6.56
CA ILE D 55 -5.29 8.10 5.37
C ILE D 55 -3.88 8.53 5.74
N PHE D 56 -2.94 8.15 4.89
CA PHE D 56 -1.53 8.48 5.11
C PHE D 56 -0.96 9.21 3.92
N HIS D 57 -0.32 10.34 4.17
CA HIS D 57 0.47 11.01 3.14
C HIS D 57 1.87 11.36 3.63
N LEU D 58 2.87 10.89 2.92
CA LEU D 58 4.20 11.45 3.05
C LEU D 58 4.83 11.36 1.65
N SER D 59 4.45 12.31 0.81
CA SER D 59 4.81 12.27 -0.61
C SER D 59 6.23 11.79 -0.85
N PRO D 60 6.39 10.79 -1.72
CA PRO D 60 5.40 10.24 -2.66
C PRO D 60 4.56 9.09 -2.10
N TYR D 61 4.69 8.80 -0.82
CA TYR D 61 3.97 7.69 -0.23
C TYR D 61 2.52 8.01 0.13
N TYR D 62 1.66 7.01 -0.06
CA TYR D 62 0.24 7.15 0.19
C TYR D 62 -0.35 5.80 0.61
N LEU D 63 -1.18 5.84 1.65
CA LEU D 63 -1.92 4.69 2.12
C LEU D 63 -3.34 5.14 2.39
N ARG D 64 -4.30 4.30 2.00
CA ARG D 64 -5.68 4.50 2.34
C ARG D 64 -6.13 3.18 2.89
N LEU D 65 -6.30 3.12 4.19
CA LEU D 65 -6.56 1.84 4.84
C LEU D 65 -7.99 1.80 5.33
N ARG D 66 -8.67 0.72 4.98
CA ARG D 66 -10.04 0.46 5.42
C ARG D 66 -10.03 -0.65 6.49
N PHE D 67 -10.70 -0.36 7.61
CA PHE D 67 -10.82 -1.31 8.69
C PHE D 67 -12.25 -1.81 8.83
N PRO D 68 -12.40 -3.05 9.34
CA PRO D 68 -13.72 -3.66 9.52
C PRO D 68 -14.53 -2.82 10.48
N HIS D 69 -13.87 -2.36 11.55
CA HIS D 69 -14.53 -1.62 12.60
C HIS D 69 -13.93 -0.23 12.79
N GLU D 70 -14.67 0.63 13.48
CA GLU D 70 -14.33 2.05 13.59
C GLU D 70 -13.22 2.35 14.58
N LEU D 71 -12.48 3.41 14.30
CA LEU D 71 -11.45 3.92 15.18
C LEU D 71 -11.89 5.26 15.74
N ILE D 72 -11.18 5.72 16.76
CA ILE D 72 -11.46 7.01 17.36
C ILE D 72 -10.15 7.76 17.51
N ASP D 73 -10.14 8.99 17.02
CA ASP D 73 -8.94 9.81 17.05
C ASP D 73 -8.98 10.78 18.23
N ASP D 74 -8.46 10.35 19.37
CA ASP D 74 -8.41 11.21 20.55
C ASP D 74 -6.97 11.49 21.00
N GLU D 75 -6.82 11.91 22.24
CA GLU D 75 -5.50 12.29 22.75
C GLU D 75 -4.62 11.06 22.85
N ARG D 76 -5.26 9.91 22.95
CA ARG D 76 -4.58 8.65 23.23
C ARG D 76 -3.77 8.14 22.04
N SER D 77 -4.00 8.71 20.86
CA SER D 77 -3.30 8.30 19.65
C SER D 77 -1.93 8.97 19.49
N THR D 78 -0.94 8.19 19.07
CA THR D 78 0.43 8.67 18.92
C THR D 78 1.04 8.39 17.54
N ALA D 79 1.93 9.28 17.10
CA ALA D 79 2.63 9.13 15.82
C ALA D 79 4.12 9.40 16.00
N GLN D 80 4.95 8.40 15.76
CA GLN D 80 6.40 8.56 15.98
C GLN D 80 7.24 8.02 14.83
N TYR D 81 8.31 8.71 14.49
CA TYR D 81 9.29 8.16 13.56
C TYR D 81 10.45 7.61 14.33
N ASP D 82 10.60 6.28 14.32
CA ASP D 82 11.80 5.64 14.83
C ASP D 82 12.90 5.78 13.80
N SER D 83 13.85 6.67 14.05
CA SER D 83 14.86 7.00 13.06
C SER D 83 15.83 5.83 12.82
N LYS D 84 16.03 4.98 13.84
CA LYS D 84 16.94 3.84 13.70
C LYS D 84 16.36 2.76 12.78
N ASP D 85 15.15 2.32 13.09
CA ASP D 85 14.42 1.31 12.31
C ASP D 85 13.86 1.87 11.03
N GLU D 86 13.84 3.20 10.90
CA GLU D 86 13.32 3.83 9.70
C GLU D 86 11.85 3.49 9.49
N CYS D 87 11.06 3.65 10.53
CA CYS D 87 9.66 3.45 10.33
C CYS D 87 8.86 4.39 11.20
N ILE D 88 7.64 4.67 10.77
CA ILE D 88 6.69 5.47 11.51
C ILE D 88 5.76 4.55 12.28
N ASN D 89 5.61 4.80 13.56
CA ASN D 89 4.67 4.02 14.36
C ASN D 89 3.49 4.86 14.73
N VAL D 90 2.32 4.36 14.36
CA VAL D 90 1.07 5.06 14.56
C VAL D 90 0.15 4.17 15.37
N LYS D 91 -0.40 4.72 16.45
CA LYS D 91 -1.34 3.99 17.29
C LYS D 91 -2.64 4.78 17.35
N VAL D 92 -3.74 4.12 17.04
CA VAL D 92 -5.07 4.71 17.17
C VAL D 92 -5.93 3.80 18.03
N ALA D 93 -6.82 4.37 18.82
CA ALA D 93 -7.64 3.55 19.69
C ALA D 93 -8.90 3.16 18.94
N LYS D 94 -9.44 1.97 19.25
CA LYS D 94 -10.73 1.55 18.69
C LYS D 94 -11.91 2.39 19.22
N LEU D 95 -12.91 2.61 18.37
CA LEU D 95 -14.15 3.26 18.81
C LEU D 95 -14.74 2.53 20.00
N ASN D 96 -14.51 1.22 20.03
CA ASN D 96 -15.05 0.32 21.03
C ASN D 96 -13.96 -0.61 21.52
N LYS D 97 -13.59 -0.53 22.78
CA LYS D 97 -12.55 -1.40 23.33
C LYS D 97 -12.94 -2.85 23.15
N ASN D 98 -11.96 -3.74 23.30
CA ASN D 98 -12.18 -5.18 23.18
C ASN D 98 -12.72 -5.69 21.84
N GLU D 99 -13.37 -4.82 21.05
CA GLU D 99 -13.80 -5.20 19.71
C GLU D 99 -12.63 -5.60 18.81
N TYR D 100 -12.65 -6.84 18.34
CA TYR D 100 -11.54 -7.41 17.57
C TYR D 100 -11.67 -7.11 16.06
N PHE D 101 -10.52 -7.03 15.39
CA PHE D 101 -10.48 -6.73 13.96
C PHE D 101 -10.01 -7.96 13.23
N GLU D 102 -10.90 -8.54 12.43
CA GLU D 102 -10.57 -9.74 11.69
C GLU D 102 -9.80 -9.34 10.45
N ASP D 103 -9.05 -10.29 9.90
CA ASP D 103 -8.29 -10.09 8.68
C ASP D 103 -7.47 -8.81 8.74
N LEU D 104 -6.89 -8.57 9.90
CA LEU D 104 -6.10 -7.36 10.12
C LEU D 104 -4.85 -7.35 9.24
N ASP D 105 -4.04 -8.40 9.32
CA ASP D 105 -2.79 -8.39 8.55
C ASP D 105 -2.16 -9.77 8.46
N LYS E 14 -28.87 4.25 -13.08
CA LYS E 14 -28.75 2.91 -12.50
C LYS E 14 -28.50 1.85 -13.58
N ILE E 16 -26.60 2.32 -16.96
CA ILE E 16 -25.87 3.02 -17.99
C ILE E 16 -25.54 2.11 -19.17
N THR E 17 -25.72 2.64 -20.38
CA THR E 17 -25.31 1.96 -21.59
C THR E 17 -23.92 2.43 -22.01
N PRO E 18 -22.91 1.54 -21.88
CA PRO E 18 -21.50 1.89 -22.01
C PRO E 18 -21.10 2.08 -23.45
N ARG E 19 -20.06 2.88 -23.70
CA ARG E 19 -19.41 2.86 -25.01
C ARG E 19 -18.84 1.48 -25.29
N PHE E 20 -18.79 1.09 -26.55
CA PHE E 20 -18.19 -0.20 -26.87
C PHE E 20 -17.75 -0.25 -28.30
N SER E 21 -16.91 -1.23 -28.60
CA SER E 21 -16.45 -1.44 -29.95
C SER E 21 -16.11 -2.91 -30.05
N ILE E 22 -16.03 -3.41 -31.27
CA ILE E 22 -15.91 -4.85 -31.51
C ILE E 22 -15.12 -5.15 -32.76
N THR E 23 -14.26 -6.15 -32.68
CA THR E 23 -13.58 -6.66 -33.84
C THR E 23 -13.65 -8.17 -33.73
N GLN E 24 -13.08 -8.87 -34.68
CA GLN E 24 -13.24 -10.30 -34.74
C GLN E 24 -12.02 -10.87 -35.41
N ASP E 25 -11.77 -12.15 -35.17
CA ASP E 25 -10.87 -12.86 -36.05
C ASP E 25 -11.62 -14.09 -36.60
N GLU E 26 -10.93 -15.16 -36.91
CA GLU E 26 -11.61 -16.27 -37.53
C GLU E 26 -12.19 -17.16 -36.47
N GLU E 27 -11.68 -17.07 -35.25
CA GLU E 27 -12.17 -17.91 -34.16
C GLU E 27 -12.96 -17.15 -33.11
N PHE E 28 -12.76 -15.84 -33.03
CA PHE E 28 -13.33 -15.06 -31.91
C PHE E 28 -13.97 -13.72 -32.26
N ILE E 29 -14.81 -13.27 -31.34
CA ILE E 29 -15.35 -11.92 -31.30
C ILE E 29 -14.69 -11.23 -30.11
N PHE E 30 -14.20 -10.02 -30.34
CA PHE E 30 -13.49 -9.27 -29.33
C PHE E 30 -14.29 -8.04 -28.95
N LEU E 31 -14.78 -8.01 -27.71
CA LEU E 31 -15.72 -6.98 -27.29
C LEU E 31 -15.10 -6.07 -26.26
N LYS E 32 -14.74 -4.86 -26.67
CA LYS E 32 -14.19 -3.86 -25.75
C LYS E 32 -15.31 -3.06 -25.13
N ILE E 33 -15.47 -3.11 -23.80
CA ILE E 33 -16.46 -2.27 -23.12
C ILE E 33 -15.86 -1.21 -22.17
N PHE E 34 -16.19 0.06 -22.42
CA PHE E 34 -15.65 1.16 -21.63
C PHE E 34 -16.47 1.44 -20.40
N ILE E 35 -15.81 1.37 -19.25
CA ILE E 35 -16.45 1.51 -17.95
C ILE E 35 -15.58 2.31 -16.99
N SER E 36 -16.17 2.82 -15.92
CA SER E 36 -15.44 3.65 -14.94
C SER E 36 -15.91 3.42 -13.50
N ASN E 37 -15.01 3.67 -12.55
CA ASN E 37 -15.35 3.58 -11.12
C ASN E 37 -16.04 2.27 -10.77
N ILE E 38 -15.54 1.18 -11.32
CA ILE E 38 -16.15 -0.11 -11.11
C ILE E 38 -15.64 -0.78 -9.86
N ARG E 39 -16.53 -1.49 -9.19
CA ARG E 39 -16.19 -2.30 -8.04
C ARG E 39 -16.33 -3.78 -8.39
N PHE E 40 -15.21 -4.47 -8.49
CA PHE E 40 -15.24 -5.89 -8.78
C PHE E 40 -15.51 -6.74 -7.55
N SER E 41 -16.35 -7.76 -7.72
CA SER E 41 -16.63 -8.73 -6.67
C SER E 41 -16.44 -10.15 -7.21
N ALA E 42 -16.85 -11.14 -6.43
CA ALA E 42 -16.75 -12.53 -6.86
C ALA E 42 -17.78 -12.87 -7.95
N VAL E 43 -18.85 -12.08 -8.04
CA VAL E 43 -19.97 -12.42 -8.90
C VAL E 43 -20.67 -11.21 -9.54
N GLY E 44 -20.23 -10.00 -9.19
CA GLY E 44 -20.84 -8.79 -9.70
C GLY E 44 -20.89 -8.75 -11.21
N LEU E 45 -19.84 -9.27 -11.83
CA LEU E 45 -19.76 -9.30 -13.26
C LEU E 45 -20.54 -10.46 -13.83
N GLU E 46 -21.55 -10.13 -14.60
CA GLU E 46 -22.41 -11.15 -15.13
C GLU E 46 -22.38 -10.99 -16.64
N ILE E 47 -21.91 -12.01 -17.34
CA ILE E 47 -21.86 -12.01 -18.82
C ILE E 47 -22.57 -13.25 -19.42
N ILE E 48 -23.79 -13.05 -19.90
CA ILE E 48 -24.57 -14.11 -20.50
C ILE E 48 -24.28 -14.18 -21.98
N ILE E 49 -24.07 -15.38 -22.50
CA ILE E 49 -23.76 -15.59 -23.91
C ILE E 49 -24.64 -16.69 -24.48
N GLN E 50 -25.75 -16.30 -25.09
CA GLN E 50 -26.73 -17.27 -25.58
C GLN E 50 -26.96 -17.11 -27.05
N GLU E 51 -26.50 -18.08 -27.84
CA GLU E 51 -26.70 -18.04 -29.29
C GLU E 51 -26.07 -16.79 -29.92
N ASN E 52 -26.91 -15.88 -30.42
CA ASN E 52 -26.40 -14.69 -31.08
C ASN E 52 -26.46 -13.44 -30.19
N ILE E 54 -25.25 -11.35 -26.51
CA ILE E 54 -24.39 -11.19 -25.33
C ILE E 54 -25.03 -10.18 -24.36
N ILE E 55 -25.19 -10.59 -23.10
CA ILE E 55 -25.68 -9.67 -22.08
C ILE E 55 -24.59 -9.43 -21.05
N PHE E 56 -24.34 -8.14 -20.82
CA PHE E 56 -23.26 -7.72 -19.96
C PHE E 56 -23.87 -6.86 -18.88
N HIS E 57 -23.63 -7.25 -17.64
CA HIS E 57 -24.15 -6.55 -16.48
C HIS E 57 -23.08 -6.42 -15.39
N LEU E 58 -22.70 -5.19 -15.12
CA LEU E 58 -21.75 -4.88 -14.09
C LEU E 58 -22.23 -3.53 -13.65
N SER E 59 -23.09 -3.54 -12.63
CA SER E 59 -23.76 -2.32 -12.18
C SER E 59 -22.77 -1.16 -11.99
N PRO E 60 -23.17 0.03 -12.45
CA PRO E 60 -24.50 0.29 -12.99
C PRO E 60 -24.54 0.15 -14.49
N TYR E 61 -23.85 -0.84 -15.07
CA TYR E 61 -23.81 -0.93 -16.54
C TYR E 61 -24.59 -2.10 -17.12
N TYR E 62 -25.38 -1.80 -18.15
CA TYR E 62 -26.09 -2.84 -18.87
C TYR E 62 -25.96 -2.70 -20.40
N LEU E 63 -25.84 -3.84 -21.10
CA LEU E 63 -25.61 -3.82 -22.54
C LEU E 63 -26.08 -5.13 -23.21
N ARG E 64 -27.11 -5.05 -24.03
CA ARG E 64 -27.62 -6.22 -24.74
C ARG E 64 -27.20 -6.06 -26.18
N LEU E 65 -26.36 -6.97 -26.69
CA LEU E 65 -25.93 -6.92 -28.10
C LEU E 65 -26.41 -8.16 -28.86
N ARG E 66 -26.91 -7.96 -30.08
CA ARG E 66 -27.23 -9.11 -30.95
C ARG E 66 -26.36 -9.15 -32.20
N PHE E 67 -25.78 -10.32 -32.44
CA PHE E 67 -24.77 -10.43 -33.46
C PHE E 67 -25.36 -11.03 -34.74
N PRO E 68 -24.79 -10.67 -35.90
CA PRO E 68 -25.19 -11.18 -37.21
C PRO E 68 -25.31 -12.70 -37.20
N HIS E 69 -24.56 -13.35 -36.32
CA HIS E 69 -24.56 -14.79 -36.24
C HIS E 69 -24.35 -15.22 -34.82
N GLU E 70 -24.00 -16.49 -34.64
CA GLU E 70 -24.02 -17.09 -33.32
C GLU E 70 -22.67 -17.26 -32.69
N LEU E 71 -22.68 -17.11 -31.37
CA LEU E 71 -21.53 -17.35 -30.53
C LEU E 71 -21.73 -18.63 -29.72
N ILE E 72 -20.67 -19.08 -29.06
CA ILE E 72 -20.82 -20.18 -28.13
C ILE E 72 -20.02 -19.95 -26.82
N ASP E 73 -20.59 -20.37 -25.70
CA ASP E 73 -20.03 -20.13 -24.38
C ASP E 73 -19.34 -21.39 -23.86
N ASP E 74 -18.03 -21.40 -23.86
CA ASP E 74 -17.25 -22.53 -23.35
C ASP E 74 -16.05 -21.97 -22.61
N GLU E 75 -15.03 -22.78 -22.42
CA GLU E 75 -13.95 -22.33 -21.57
C GLU E 75 -13.16 -21.19 -22.22
N ARG E 76 -13.25 -21.09 -23.54
CA ARG E 76 -12.53 -20.04 -24.27
C ARG E 76 -13.00 -18.63 -23.90
N SER E 77 -14.28 -18.48 -23.58
CA SER E 77 -14.86 -17.22 -23.14
C SER E 77 -14.09 -16.61 -21.97
N THR E 78 -13.48 -15.46 -22.17
CA THR E 78 -12.72 -14.79 -21.13
C THR E 78 -12.93 -13.27 -21.10
N ALA E 79 -12.72 -12.64 -19.96
CA ALA E 79 -12.68 -11.17 -19.89
C ALA E 79 -11.47 -10.66 -19.11
N GLN E 80 -11.10 -9.40 -19.34
CA GLN E 80 -9.98 -8.82 -18.61
C GLN E 80 -10.11 -7.32 -18.53
N TYR E 81 -10.03 -6.78 -17.31
CA TYR E 81 -10.00 -5.34 -17.10
C TYR E 81 -8.68 -4.72 -17.56
N ASP E 82 -8.75 -3.56 -18.22
CA ASP E 82 -7.55 -2.79 -18.56
C ASP E 82 -7.64 -1.37 -17.98
N SER E 83 -6.77 -1.06 -17.02
CA SER E 83 -6.84 0.23 -16.32
C SER E 83 -6.42 1.40 -17.22
N LYS E 84 -5.44 1.14 -18.08
CA LYS E 84 -4.97 2.17 -18.99
C LYS E 84 -6.16 2.67 -19.80
N ASP E 85 -6.71 1.82 -20.65
CA ASP E 85 -7.80 2.21 -21.55
C ASP E 85 -9.14 2.23 -20.86
N GLU E 86 -9.15 1.85 -19.58
CA GLU E 86 -10.37 1.85 -18.78
C GLU E 86 -11.50 1.08 -19.46
N CYS E 87 -11.27 -0.21 -19.70
CA CYS E 87 -12.29 -1.05 -20.29
C CYS E 87 -12.16 -2.48 -19.83
N ILE E 88 -13.17 -3.27 -20.14
CA ILE E 88 -13.10 -4.72 -20.01
C ILE E 88 -13.11 -5.27 -21.40
N ASN E 89 -12.07 -6.03 -21.71
CA ASN E 89 -11.97 -6.70 -22.97
C ASN E 89 -12.56 -8.10 -22.84
N VAL E 90 -13.67 -8.33 -23.53
CA VAL E 90 -14.33 -9.63 -23.51
C VAL E 90 -14.03 -10.38 -24.79
N LYS E 91 -13.79 -11.67 -24.67
CA LYS E 91 -13.41 -12.49 -25.80
C LYS E 91 -14.31 -13.71 -25.75
N VAL E 92 -14.94 -14.02 -26.89
CA VAL E 92 -15.99 -15.02 -26.98
C VAL E 92 -15.88 -15.74 -28.35
N ALA E 93 -16.03 -17.06 -28.38
CA ALA E 93 -15.81 -17.80 -29.62
C ALA E 93 -17.04 -17.73 -30.50
N LYS E 94 -16.81 -17.65 -31.80
CA LYS E 94 -17.88 -17.80 -32.77
C LYS E 94 -18.33 -19.25 -32.68
N LEU E 95 -19.65 -19.49 -32.76
CA LEU E 95 -20.21 -20.85 -32.89
C LEU E 95 -19.47 -21.60 -34.00
N ASN E 96 -19.33 -20.93 -35.14
CA ASN E 96 -18.69 -21.50 -36.32
C ASN E 96 -17.40 -20.80 -36.67
N LYS E 97 -16.28 -21.48 -36.49
CA LYS E 97 -15.00 -20.94 -36.89
C LYS E 97 -15.04 -20.50 -38.37
N ASN E 98 -14.31 -19.44 -38.66
CA ASN E 98 -14.18 -18.85 -40.00
C ASN E 98 -15.44 -18.19 -40.52
N GLU E 99 -16.48 -18.09 -39.71
CA GLU E 99 -17.68 -17.34 -40.09
C GLU E 99 -17.53 -15.83 -39.88
N TYR E 100 -17.62 -15.08 -40.97
CA TYR E 100 -17.52 -13.63 -40.95
C TYR E 100 -18.74 -12.89 -40.41
N PHE E 101 -18.49 -12.02 -39.45
CA PHE E 101 -19.57 -11.26 -38.85
C PHE E 101 -19.56 -9.90 -39.49
N GLU E 102 -20.68 -9.54 -40.12
CA GLU E 102 -20.78 -8.27 -40.84
C GLU E 102 -21.12 -7.09 -39.92
N ASP E 103 -20.55 -5.94 -40.25
CA ASP E 103 -20.92 -4.68 -39.61
C ASP E 103 -20.77 -4.66 -38.09
N LEU E 104 -19.67 -5.22 -37.60
CA LEU E 104 -19.38 -5.12 -36.19
C LEU E 104 -19.07 -3.67 -35.86
N ASP E 105 -18.78 -2.89 -36.88
CA ASP E 105 -18.47 -1.47 -36.69
C ASP E 105 -19.74 -0.61 -36.72
N LEU E 106 -20.90 -1.27 -36.69
CA LEU E 106 -22.15 -0.54 -36.65
C LEU E 106 -22.92 -0.77 -35.33
N PRO E 107 -22.61 0.04 -34.31
CA PRO E 107 -23.20 0.00 -32.97
C PRO E 107 -24.73 -0.05 -33.03
N THR E 108 -25.26 0.67 -34.01
CA THR E 108 -26.70 0.76 -34.20
C THR E 108 -27.30 -0.62 -34.40
N LYS E 109 -26.76 -1.35 -35.37
CA LYS E 109 -27.24 -2.69 -35.68
C LYS E 109 -27.26 -3.60 -34.45
N LEU E 110 -26.14 -3.63 -33.72
CA LEU E 110 -25.96 -4.59 -32.63
C LEU E 110 -26.84 -4.34 -31.41
N LEU E 111 -27.24 -3.08 -31.25
CA LEU E 111 -27.99 -2.64 -30.08
C LEU E 111 -29.50 -2.81 -30.26
N LYS F 14 -12.10 4.76 -1.61
CA LYS F 14 -11.48 4.06 -2.74
C LYS F 14 -10.84 5.06 -3.69
N ILE F 16 -8.50 1.82 -2.38
CA ILE F 16 -8.03 1.33 -1.08
C ILE F 16 -6.73 0.53 -1.19
N THR F 17 -5.88 0.64 -0.16
CA THR F 17 -4.66 -0.15 -0.08
C THR F 17 -4.90 -1.48 0.63
N PRO F 18 -4.44 -2.59 0.02
CA PRO F 18 -4.56 -3.94 0.58
C PRO F 18 -3.36 -4.31 1.41
N ARG F 19 -3.54 -5.20 2.40
CA ARG F 19 -2.39 -5.72 3.11
C ARG F 19 -1.50 -6.43 2.08
N PHE F 20 -0.18 -6.31 2.24
CA PHE F 20 0.72 -7.05 1.38
C PHE F 20 2.11 -7.24 1.98
N SER F 21 2.81 -8.27 1.51
CA SER F 21 4.16 -8.55 1.98
C SER F 21 5.05 -8.87 0.75
N ILE F 22 6.35 -8.64 0.86
CA ILE F 22 7.26 -8.96 -0.25
C ILE F 22 8.55 -9.62 0.21
N THR F 23 8.88 -10.74 -0.42
CA THR F 23 10.13 -11.42 -0.11
C THR F 23 10.89 -11.63 -1.42
N GLN F 24 12.04 -12.30 -1.32
CA GLN F 24 12.82 -12.58 -2.52
C GLN F 24 13.68 -13.81 -2.31
N ASP F 25 14.04 -14.44 -3.44
CA ASP F 25 15.22 -15.28 -3.51
C ASP F 25 16.12 -14.65 -4.56
N GLU F 26 16.99 -15.46 -5.17
CA GLU F 26 17.99 -14.92 -6.09
C GLU F 26 17.42 -14.48 -7.44
N GLU F 27 16.42 -15.21 -7.93
CA GLU F 27 15.88 -14.93 -9.27
C GLU F 27 14.56 -14.12 -9.25
N PHE F 28 13.68 -14.42 -8.30
CA PHE F 28 12.39 -13.75 -8.25
C PHE F 28 12.18 -12.84 -7.05
N ILE F 29 11.17 -11.97 -7.17
CA ILE F 29 10.56 -11.33 -5.99
C ILE F 29 9.15 -11.91 -5.77
N PHE F 30 8.73 -11.99 -4.52
CA PHE F 30 7.50 -12.68 -4.19
C PHE F 30 6.49 -11.78 -3.49
N LEU F 31 5.64 -11.17 -4.30
CA LEU F 31 4.60 -10.26 -3.86
C LEU F 31 3.36 -11.05 -3.43
N LYS F 32 3.00 -10.94 -2.17
CA LYS F 32 1.81 -11.60 -1.66
C LYS F 32 0.80 -10.53 -1.27
N ILE F 33 -0.45 -10.65 -1.72
CA ILE F 33 -1.48 -9.62 -1.46
C ILE F 33 -2.72 -10.24 -0.87
N PHE F 34 -3.25 -9.66 0.19
CA PHE F 34 -4.46 -10.21 0.78
C PHE F 34 -5.71 -9.66 0.10
N ILE F 35 -6.53 -10.58 -0.43
CA ILE F 35 -7.84 -10.26 -0.97
C ILE F 35 -8.82 -11.39 -0.61
N SER F 36 -9.92 -11.02 0.03
CA SER F 36 -10.95 -11.98 0.43
C SER F 36 -11.70 -12.64 -0.76
N ASN F 37 -12.16 -13.87 -0.55
CA ASN F 37 -12.98 -14.59 -1.50
C ASN F 37 -14.08 -13.68 -2.06
N ILE F 38 -14.78 -12.99 -1.18
CA ILE F 38 -15.86 -12.12 -1.59
C ILE F 38 -15.42 -11.00 -2.54
N ARG F 39 -14.19 -10.50 -2.37
CA ARG F 39 -13.70 -9.37 -3.15
C ARG F 39 -12.98 -9.81 -4.44
N PHE F 40 -12.46 -11.02 -4.47
CA PHE F 40 -11.71 -11.48 -5.65
C PHE F 40 -12.46 -11.57 -7.00
N SER F 41 -11.85 -11.03 -8.05
CA SER F 41 -12.33 -11.19 -9.42
C SER F 41 -11.14 -11.36 -10.33
N ALA F 42 -11.09 -12.45 -11.08
CA ALA F 42 -9.94 -12.68 -11.94
C ALA F 42 -10.02 -11.67 -13.06
N VAL F 43 -11.26 -11.32 -13.43
CA VAL F 43 -11.50 -10.36 -14.50
C VAL F 43 -10.97 -8.96 -14.16
N GLY F 44 -11.21 -8.54 -12.92
CA GLY F 44 -10.76 -7.27 -12.40
C GLY F 44 -9.27 -7.24 -12.15
N LEU F 45 -8.68 -8.40 -11.94
CA LEU F 45 -7.28 -8.44 -11.55
C LEU F 45 -6.39 -7.98 -12.68
N GLU F 46 -5.58 -6.97 -12.41
CA GLU F 46 -4.60 -6.54 -13.39
C GLU F 46 -3.24 -6.24 -12.73
N ILE F 47 -2.16 -6.68 -13.38
CA ILE F 47 -0.82 -6.55 -12.85
C ILE F 47 0.10 -6.07 -13.97
N ILE F 48 0.89 -5.04 -13.68
CA ILE F 48 1.68 -4.36 -14.70
C ILE F 48 3.09 -4.20 -14.18
N ILE F 49 4.06 -4.65 -14.98
CA ILE F 49 5.44 -4.64 -14.55
C ILE F 49 6.21 -3.77 -15.50
N GLN F 50 6.93 -2.79 -14.95
CA GLN F 50 7.64 -1.80 -15.77
C GLN F 50 8.95 -1.42 -15.13
N GLU F 51 10.03 -2.04 -15.57
CA GLU F 51 11.34 -1.75 -15.02
C GLU F 51 11.32 -1.99 -13.52
N ASN F 52 11.26 -0.93 -12.71
CA ASN F 52 11.29 -1.09 -11.26
C ASN F 52 9.94 -0.83 -10.57
N ILE F 54 5.96 -2.28 -9.94
CA ILE F 54 4.75 -3.10 -10.08
C ILE F 54 3.47 -2.33 -9.75
N ILE F 55 2.54 -2.30 -10.69
CA ILE F 55 1.24 -1.67 -10.49
C ILE F 55 0.18 -2.74 -10.32
N PHE F 56 -0.64 -2.61 -9.29
CA PHE F 56 -1.65 -3.61 -9.01
C PHE F 56 -3.05 -3.03 -8.94
N HIS F 57 -4.02 -3.60 -9.66
CA HIS F 57 -5.42 -3.21 -9.50
C HIS F 57 -6.31 -4.41 -9.30
N LEU F 58 -7.29 -4.25 -8.42
CA LEU F 58 -8.43 -5.15 -8.30
C LEU F 58 -9.43 -4.34 -7.49
N SER F 59 -10.14 -3.46 -8.18
CA SER F 59 -11.03 -2.49 -7.54
C SER F 59 -11.86 -3.14 -6.45
N PRO F 60 -11.91 -2.52 -5.25
CA PRO F 60 -11.42 -1.19 -4.92
C PRO F 60 -9.92 -1.12 -4.58
N TYR F 61 -9.16 -2.19 -4.74
CA TYR F 61 -7.77 -2.22 -4.29
C TYR F 61 -6.74 -1.68 -5.29
N TYR F 62 -5.67 -1.09 -4.76
CA TYR F 62 -4.60 -0.56 -5.62
C TYR F 62 -3.28 -0.56 -4.89
N LEU F 63 -2.23 -0.97 -5.60
CA LEU F 63 -0.85 -0.78 -5.13
C LEU F 63 -0.05 -0.23 -6.28
N ARG F 64 0.93 0.60 -5.95
CA ARG F 64 1.97 0.99 -6.88
C ARG F 64 3.27 0.87 -6.10
N LEU F 65 4.05 -0.15 -6.41
CA LEU F 65 5.25 -0.49 -5.65
C LEU F 65 6.48 -0.18 -6.47
N ARG F 66 7.41 0.58 -5.89
CA ARG F 66 8.67 0.88 -6.53
C ARG F 66 9.73 0.02 -5.88
N PHE F 67 10.67 -0.43 -6.70
CA PHE F 67 11.73 -1.30 -6.24
C PHE F 67 13.08 -0.67 -6.46
N PRO F 68 14.06 -1.02 -5.62
CA PRO F 68 15.45 -0.55 -5.69
C PRO F 68 16.10 -0.87 -7.05
N HIS F 69 15.84 -2.07 -7.57
CA HIS F 69 16.39 -2.45 -8.86
C HIS F 69 15.28 -2.86 -9.82
N GLU F 70 15.66 -3.33 -11.01
CA GLU F 70 14.68 -3.57 -12.08
C GLU F 70 14.08 -4.96 -12.14
N LEU F 71 13.01 -5.04 -12.93
CA LEU F 71 12.23 -6.25 -13.05
C LEU F 71 11.92 -6.48 -14.50
N ILE F 72 11.64 -7.75 -14.84
CA ILE F 72 11.25 -8.06 -16.20
C ILE F 72 9.93 -8.81 -16.21
N ASP F 73 8.99 -8.33 -17.01
CA ASP F 73 7.81 -9.17 -17.24
C ASP F 73 8.03 -10.11 -18.43
N ASP F 74 8.33 -11.37 -18.14
CA ASP F 74 8.40 -12.38 -19.19
C ASP F 74 7.53 -13.58 -18.84
N GLU F 75 7.90 -14.77 -19.31
CA GLU F 75 7.05 -15.94 -19.13
C GLU F 75 7.23 -16.56 -17.75
N ARG F 76 8.34 -16.22 -17.11
CA ARG F 76 8.68 -16.76 -15.79
C ARG F 76 7.69 -16.33 -14.71
N SER F 77 7.00 -15.21 -14.94
CA SER F 77 6.17 -14.61 -13.90
C SER F 77 4.84 -15.30 -13.72
N THR F 78 4.40 -15.35 -12.47
CA THR F 78 3.21 -16.10 -12.10
C THR F 78 2.19 -15.16 -11.46
N ALA F 79 0.94 -15.61 -11.43
CA ALA F 79 -0.12 -14.88 -10.75
C ALA F 79 -1.18 -15.86 -10.35
N GLN F 80 -1.25 -16.24 -9.08
CA GLN F 80 -2.28 -17.15 -8.63
C GLN F 80 -3.01 -16.65 -7.39
N TYR F 81 -4.29 -16.98 -7.28
CA TYR F 81 -5.06 -16.70 -6.09
C TYR F 81 -5.32 -17.96 -5.25
N ASP F 82 -4.78 -17.98 -4.04
CA ASP F 82 -5.10 -19.02 -3.09
C ASP F 82 -6.37 -18.68 -2.31
N SER F 83 -7.43 -19.46 -2.53
CA SER F 83 -8.72 -19.18 -1.91
C SER F 83 -8.73 -19.43 -0.43
N LYS F 84 -7.87 -20.36 0.01
CA LYS F 84 -7.81 -20.72 1.42
C LYS F 84 -7.19 -19.55 2.19
N ASP F 85 -5.90 -19.30 1.92
CA ASP F 85 -5.15 -18.19 2.51
C ASP F 85 -5.72 -16.83 2.16
N GLU F 86 -6.61 -16.80 1.17
CA GLU F 86 -7.18 -15.56 0.67
C GLU F 86 -6.12 -14.55 0.23
N CYS F 87 -5.12 -15.02 -0.51
CA CYS F 87 -4.12 -14.09 -0.98
C CYS F 87 -3.81 -14.35 -2.45
N ILE F 88 -3.30 -13.32 -3.13
CA ILE F 88 -2.87 -13.45 -4.50
C ILE F 88 -1.40 -13.52 -4.38
N ASN F 89 -0.79 -14.46 -5.11
CA ASN F 89 0.63 -14.64 -5.03
C ASN F 89 1.20 -14.31 -6.36
N VAL F 90 2.01 -13.27 -6.39
CA VAL F 90 2.65 -12.84 -7.61
C VAL F 90 4.14 -13.16 -7.52
N LYS F 91 4.71 -13.56 -8.64
CA LYS F 91 6.13 -13.87 -8.73
C LYS F 91 6.66 -13.20 -9.99
N VAL F 92 7.76 -12.46 -9.87
CA VAL F 92 8.30 -11.71 -11.00
C VAL F 92 9.83 -11.76 -10.96
N ALA F 93 10.44 -11.83 -12.12
CA ALA F 93 11.88 -12.07 -12.20
C ALA F 93 12.66 -10.77 -12.11
N LYS F 94 13.75 -10.82 -11.35
CA LYS F 94 14.66 -9.68 -11.27
C LYS F 94 15.31 -9.57 -12.63
N LEU F 95 15.39 -8.35 -13.14
CA LEU F 95 16.10 -8.12 -14.39
C LEU F 95 17.45 -8.83 -14.33
N ASN F 96 18.22 -8.52 -13.30
CA ASN F 96 19.53 -9.11 -13.07
C ASN F 96 19.48 -10.13 -11.94
N LYS F 97 19.70 -11.40 -12.27
CA LYS F 97 19.67 -12.46 -11.27
C LYS F 97 20.69 -12.22 -10.16
N ASN F 98 20.43 -12.81 -8.99
CA ASN F 98 21.32 -12.69 -7.83
C ASN F 98 21.31 -11.32 -7.16
N GLU F 99 21.04 -10.27 -7.94
CA GLU F 99 21.01 -8.91 -7.43
C GLU F 99 20.11 -8.79 -6.20
N TYR F 100 20.71 -8.48 -5.07
CA TYR F 100 19.95 -8.33 -3.83
C TYR F 100 19.10 -7.05 -3.87
N PHE F 101 17.88 -7.16 -3.37
CA PHE F 101 17.00 -6.01 -3.26
C PHE F 101 16.99 -5.48 -1.83
N GLU F 102 17.23 -4.18 -1.69
CA GLU F 102 17.37 -3.54 -0.39
C GLU F 102 16.02 -3.10 0.17
N ASP F 103 15.76 -3.48 1.42
CA ASP F 103 14.57 -3.02 2.12
C ASP F 103 13.29 -3.54 1.47
N LEU F 104 13.07 -4.85 1.62
CA LEU F 104 11.80 -5.46 1.29
C LEU F 104 11.04 -5.75 2.58
N ASP F 105 9.73 -5.51 2.57
CA ASP F 105 8.94 -5.66 3.78
C ASP F 105 7.44 -5.58 3.46
#